data_4WVP
#
_entry.id   4WVP
#
_cell.length_a   73.120
_cell.length_b   73.120
_cell.length_c   69.451
_cell.angle_alpha   90.000
_cell.angle_beta   90.000
_cell.angle_gamma   120.000
#
_symmetry.space_group_name_H-M   'P 63'
#
loop_
_entity.id
_entity.type
_entity.pdbx_description
1 polymer 'Neutrophil elastase'
2 polymer BTN-3V3-NLB-OMT-OIC-3V2
3 branched beta-D-mannopyranose-(1-4)-2-acetamido-2-deoxy-beta-D-glucopyranose-(1-4)-[alpha-L-fucopyranose-(1-6)]2-acetamido-2-deoxy-beta-D-glucopyranose
4 branched 2-acetamido-2-deoxy-beta-D-glucopyranose-(1-4)-[alpha-L-fucopyranose-(1-6)]2-acetamido-2-deoxy-beta-D-glucopyranose
5 non-polymer 'SULFATE ION'
6 non-polymer 1,2-ETHANEDIOL
7 water water
#
loop_
_entity_poly.entity_id
_entity_poly.type
_entity_poly.pdbx_seq_one_letter_code
_entity_poly.pdbx_strand_id
1 'polypeptide(L)'
;IVGGRRARPHAWPFMVSLQLRGGHFCGATLIAPNFVMSAAHCVANVNVRAVRVVLGAHNLSRREPTRQVFAVQRIFENGY
DPVNLLNDIVILQLNGSATINANVQVAQLPAQGRRLGNGVQCLAMGWGLLGRNRGIASVLQELNVTVVTSLCRRSNVCTL
VRGRQAGVCFGDSGSPLVCNGLIHGIASFVRGGCASGLYPDAFAPVAQFVNWIDSIIQ
;
E
2 'polypeptide(L)' (BTN)(3V3)(NLB)(OMT)(OIC)(3V2) I
#
loop_
_chem_comp.id
_chem_comp.type
_chem_comp.name
_chem_comp.formula
3V2 non-polymer '[(1R)-1-aminopropyl]phosphonic acid' 'C3 H10 N O3 P'
3V3 non-polymer '1-amino-3,6,9,12-tetraoxapentadecan-15-oic acid' 'C11 H23 N O6'
BMA D-saccharide, beta linking beta-D-mannopyranose 'C6 H12 O6'
BTN non-polymer BIOTIN 'C10 H16 N2 O3 S'
EDO non-polymer 1,2-ETHANEDIOL 'C2 H6 O2'
FUC L-saccharide, alpha linking alpha-L-fucopyranose 'C6 H12 O5'
NAG D-saccharide, beta linking 2-acetamido-2-deoxy-beta-D-glucopyranose 'C8 H15 N O6'
SO4 non-polymer 'SULFATE ION' 'O4 S -2'
#
# COMPACT_ATOMS: atom_id res chain seq x y z
N ILE A 1 9.22 4.24 -3.96
CA ILE A 1 8.69 4.84 -5.25
C ILE A 1 9.87 5.40 -6.03
N VAL A 2 10.07 4.92 -7.24
CA VAL A 2 11.12 5.40 -8.13
C VAL A 2 10.52 6.40 -9.13
N GLY A 3 11.11 7.60 -9.20
CA GLY A 3 10.71 8.60 -10.19
C GLY A 3 9.43 9.32 -9.86
N GLY A 4 9.02 9.29 -8.59
CA GLY A 4 7.86 9.99 -8.11
C GLY A 4 8.25 11.35 -7.56
N ARG A 5 7.44 11.83 -6.62
CA ARG A 5 7.62 13.14 -6.03
C ARG A 5 7.23 13.12 -4.57
N ARG A 6 7.69 14.09 -3.79
CA ARG A 6 7.18 14.20 -2.44
C ARG A 6 5.67 14.46 -2.42
N ALA A 7 4.91 13.74 -1.60
CA ALA A 7 3.53 14.14 -1.29
C ALA A 7 3.49 15.40 -0.48
N ARG A 8 2.43 16.16 -0.64
CA ARG A 8 2.11 17.22 0.29
CA ARG A 8 2.10 17.22 0.29
C ARG A 8 1.93 16.60 1.69
N PRO A 9 2.48 17.25 2.73
CA PRO A 9 2.29 16.71 4.09
C PRO A 9 0.83 16.38 4.41
N HIS A 10 0.62 15.11 4.78
CA HIS A 10 -0.69 14.64 5.21
C HIS A 10 -1.77 14.74 4.11
N ALA A 11 -1.36 14.67 2.84
CA ALA A 11 -2.31 14.68 1.72
C ALA A 11 -3.13 13.41 1.69
N TRP A 12 -2.55 12.33 2.24
CA TRP A 12 -3.12 10.98 2.14
C TRP A 12 -3.23 10.40 3.54
N PRO A 13 -4.21 10.89 4.32
CA PRO A 13 -4.18 10.60 5.77
C PRO A 13 -4.58 9.16 6.15
N PHE A 14 -4.94 8.38 5.16
CA PHE A 14 -5.17 6.96 5.31
C PHE A 14 -3.87 6.13 5.18
N MET A 15 -2.77 6.80 4.81
CA MET A 15 -1.51 6.10 4.53
C MET A 15 -0.84 5.70 5.83
N VAL A 16 -0.35 4.46 5.89
CA VAL A 16 0.17 3.87 7.10
C VAL A 16 1.60 3.30 6.82
N SER A 17 2.48 3.46 7.80
CA SER A 17 3.79 2.82 7.79
C SER A 17 3.77 1.67 8.76
N LEU A 18 4.14 0.47 8.29
CA LEU A 18 4.37 -0.69 9.15
C LEU A 18 5.84 -0.75 9.48
N GLN A 19 6.16 -0.92 10.76
CA GLN A 19 7.55 -0.80 11.22
C GLN A 19 7.93 -1.92 12.14
N LEU A 20 9.20 -2.27 12.08
CA LEU A 20 9.87 -3.17 13.04
C LEU A 20 11.05 -2.43 13.62
N ARG A 21 11.25 -2.52 14.93
CA ARG A 21 12.30 -1.78 15.62
C ARG A 21 12.59 -0.37 15.08
N GLY A 22 11.52 0.37 14.79
CA GLY A 22 11.60 1.73 14.29
C GLY A 22 11.85 1.89 12.80
N GLY A 23 11.94 0.78 12.05
CA GLY A 23 12.25 0.84 10.67
C GLY A 23 11.06 0.44 9.82
N HIS A 24 10.68 1.36 8.97
CA HIS A 24 9.66 1.06 7.95
C HIS A 24 10.05 -0.14 7.08
N PHE A 25 9.08 -1.04 6.84
CA PHE A 25 9.29 -2.11 5.86
C PHE A 25 8.13 -2.32 4.87
N CYS A 26 6.95 -1.83 5.16
CA CYS A 26 5.80 -1.99 4.27
C CYS A 26 4.81 -0.91 4.60
N GLY A 27 3.98 -0.56 3.62
CA GLY A 27 2.85 0.29 3.86
C GLY A 27 1.58 -0.44 4.18
N ALA A 28 0.55 0.36 4.47
CA ALA A 28 -0.81 -0.14 4.72
C ALA A 28 -1.77 1.01 4.52
N THR A 29 -3.06 0.70 4.60
CA THR A 29 -4.11 1.69 4.46
C THR A 29 -5.03 1.56 5.67
N LEU A 30 -5.39 2.68 6.28
CA LEU A 30 -6.41 2.69 7.33
C LEU A 30 -7.80 2.52 6.72
N ILE A 31 -8.53 1.44 7.03
CA ILE A 31 -9.83 1.17 6.46
C ILE A 31 -10.98 1.22 7.46
N ALA A 32 -10.64 1.35 8.75
CA ALA A 32 -11.60 1.67 9.80
C ALA A 32 -10.74 2.14 10.95
N PRO A 33 -11.32 2.74 11.99
CA PRO A 33 -10.41 3.20 13.07
C PRO A 33 -9.54 2.14 13.74
N ASN A 34 -9.97 0.87 13.73
CA ASN A 34 -9.22 -0.17 14.37
C ASN A 34 -8.77 -1.24 13.41
N PHE A 35 -8.71 -0.94 12.11
CA PHE A 35 -8.24 -1.90 11.10
C PHE A 35 -7.42 -1.23 9.99
N VAL A 36 -6.30 -1.85 9.64
CA VAL A 36 -5.53 -1.49 8.46
C VAL A 36 -5.50 -2.69 7.49
N MET A 37 -5.29 -2.38 6.23
CA MET A 37 -5.20 -3.35 5.16
C MET A 37 -3.80 -3.22 4.55
N SER A 38 -3.15 -4.37 4.33
CA SER A 38 -1.80 -4.37 3.76
C SER A 38 -1.66 -5.56 2.82
N ALA A 39 -0.44 -5.85 2.39
CA ALA A 39 -0.15 -7.04 1.58
C ALA A 39 0.17 -8.19 2.53
N ALA A 40 -0.42 -9.33 2.27
CA ALA A 40 -0.15 -10.51 3.07
C ALA A 40 1.32 -10.87 3.11
N HIS A 41 2.04 -10.69 1.99
CA HIS A 41 3.44 -11.13 2.01
C HIS A 41 4.32 -10.31 2.98
N CYS A 42 3.84 -9.13 3.35
CA CYS A 42 4.57 -8.25 4.30
C CYS A 42 4.65 -8.86 5.67
N VAL A 43 3.69 -9.72 6.03
CA VAL A 43 3.67 -10.30 7.36
C VAL A 43 3.90 -11.81 7.33
N ALA A 44 4.24 -12.36 6.15
CA ALA A 44 4.54 -13.79 6.05
C ALA A 44 5.67 -14.12 7.00
N ASN A 45 5.40 -15.06 7.92
CA ASN A 45 6.36 -15.47 8.97
C ASN A 45 6.92 -14.35 9.86
N VAL A 46 6.31 -13.16 9.83
CA VAL A 46 6.80 -12.06 10.63
C VAL A 46 6.14 -12.25 11.96
N ASN A 47 6.87 -11.95 13.03
CA ASN A 47 6.25 -12.00 14.32
C ASN A 47 5.47 -10.73 14.44
N VAL A 48 4.17 -10.86 14.41
CA VAL A 48 3.34 -9.67 14.31
C VAL A 48 3.28 -8.94 15.63
N ARG A 49 3.63 -9.60 16.73
CA ARG A 49 3.81 -8.89 17.98
C ARG A 49 4.88 -7.80 17.91
N ALA A 50 5.78 -7.89 16.93
CA ALA A 50 6.88 -6.95 16.76
C ALA A 50 6.50 -5.75 15.90
N VAL A 51 5.37 -5.82 15.24
CA VAL A 51 5.02 -4.82 14.25
C VAL A 51 4.33 -3.63 14.91
N ARG A 52 4.81 -2.45 14.55
CA ARG A 52 4.20 -1.21 14.96
C ARG A 52 3.49 -0.60 13.77
N VAL A 53 2.25 -0.17 13.99
CA VAL A 53 1.42 0.38 12.93
C VAL A 53 1.41 1.90 13.16
N VAL A 54 1.99 2.65 12.24
CA VAL A 54 2.19 4.08 12.46
C VAL A 54 1.29 4.87 11.52
N LEU A 55 0.35 5.60 12.11
CA LEU A 55 -0.60 6.47 11.41
C LEU A 55 -0.15 7.89 11.54
N GLY A 56 -0.57 8.72 10.58
CA GLY A 56 -0.35 10.15 10.66
C GLY A 56 1.06 10.61 10.36
N ALA A 57 1.84 9.77 9.67
CA ALA A 57 3.25 10.10 9.40
C ALA A 57 3.42 10.78 8.07
N HIS A 58 4.51 11.55 7.96
CA HIS A 58 4.90 12.15 6.70
C HIS A 58 6.38 11.93 6.40
N ASN A 59 7.20 12.47 7.29
CA ASN A 59 8.65 12.33 7.19
C ASN A 59 9.15 11.39 8.28
N LEU A 60 9.53 10.19 7.86
CA LEU A 60 9.93 9.10 8.75
C LEU A 60 11.24 9.41 9.47
N SER A 61 11.97 10.42 8.99
CA SER A 61 13.23 10.81 9.62
C SER A 61 13.09 11.91 10.69
N ARG A 62 11.89 12.46 10.84
CA ARG A 62 11.65 13.53 11.81
C ARG A 62 10.74 13.04 12.95
N ARG A 63 10.83 13.75 14.07
CA ARG A 63 9.86 13.61 15.16
C ARG A 63 8.57 14.25 14.70
N GLU A 64 7.47 13.50 14.77
CA GLU A 64 6.16 13.99 14.35
C GLU A 64 5.10 13.71 15.41
N PRO A 65 4.65 14.77 16.13
CA PRO A 65 3.55 14.58 17.07
C PRO A 65 2.20 14.27 16.41
N THR A 66 2.04 14.42 15.10
CA THR A 66 0.87 13.90 14.38
C THR A 66 0.72 12.35 14.38
N ARG A 67 1.79 11.63 14.72
CA ARG A 67 1.72 10.17 14.64
C ARG A 67 0.96 9.52 15.77
N GLN A 68 0.29 8.42 15.45
CA GLN A 68 -0.39 7.55 16.39
C GLN A 68 0.18 6.17 16.10
N VAL A 69 0.63 5.49 17.14
CA VAL A 69 1.22 4.17 17.00
C VAL A 69 0.35 3.12 17.68
N PHE A 70 0.12 2.02 16.96
CA PHE A 70 -0.65 0.87 17.44
C PHE A 70 0.10 -0.43 17.26
N ALA A 71 -0.31 -1.42 18.05
CA ALA A 71 0.11 -2.81 17.86
C ALA A 71 -0.98 -3.56 17.15
N VAL A 72 -0.64 -4.78 16.71
CA VAL A 72 -1.56 -5.63 16.00
C VAL A 72 -2.14 -6.66 16.97
N GLN A 73 -3.46 -6.68 17.03
CA GLN A 73 -4.20 -7.59 17.90
C GLN A 73 -4.53 -8.91 17.24
N ARG A 74 -4.87 -8.85 15.95
CA ARG A 74 -5.32 -10.04 15.20
C ARG A 74 -5.08 -9.82 13.70
N ILE A 75 -4.84 -10.90 13.00
CA ILE A 75 -4.61 -10.91 11.54
C ILE A 75 -5.75 -11.65 10.88
N PHE A 76 -6.22 -11.14 9.75
CA PHE A 76 -7.23 -11.80 8.94
C PHE A 76 -6.64 -11.97 7.55
N GLU A 77 -6.54 -13.21 7.11
CA GLU A 77 -5.93 -13.49 5.80
C GLU A 77 -7.00 -14.01 4.86
N ASN A 78 -6.66 -14.06 3.59
CA ASN A 78 -7.60 -14.49 2.54
C ASN A 78 -6.91 -15.33 1.44
N GLY A 79 -6.16 -16.32 1.88
CA GLY A 79 -5.58 -17.29 0.96
C GLY A 79 -4.40 -16.87 0.14
N TYR A 80 -3.58 -16.02 0.72
CA TYR A 80 -2.34 -15.65 0.06
C TYR A 80 -1.59 -16.88 -0.48
N ASP A 81 -1.22 -16.79 -1.76
CA ASP A 81 -0.47 -17.82 -2.49
C ASP A 81 0.86 -17.26 -2.88
N PRO A 82 1.93 -17.64 -2.15
CA PRO A 82 3.25 -17.09 -2.44
C PRO A 82 3.94 -17.66 -3.68
N VAL A 83 3.39 -18.71 -4.28
CA VAL A 83 3.95 -19.29 -5.51
C VAL A 83 3.47 -18.48 -6.71
N ASN A 84 2.18 -18.20 -6.76
CA ASN A 84 1.61 -17.47 -7.86
C ASN A 84 1.40 -15.98 -7.57
N LEU A 85 1.65 -15.58 -6.35
CA LEU A 85 1.50 -14.19 -5.88
C LEU A 85 0.08 -13.70 -6.05
N LEU A 86 -0.85 -14.52 -5.54
CA LEU A 86 -2.28 -14.24 -5.58
C LEU A 86 -2.81 -13.95 -4.17
N ASN A 87 -3.92 -13.21 -4.10
CA ASN A 87 -4.56 -12.88 -2.82
C ASN A 87 -3.58 -12.25 -1.86
N ASP A 88 -2.82 -11.27 -2.36
CA ASP A 88 -1.81 -10.64 -1.52
C ASP A 88 -2.39 -9.49 -0.69
N ILE A 89 -3.23 -9.89 0.26
CA ILE A 89 -4.04 -8.97 1.08
C ILE A 89 -4.16 -9.53 2.51
N VAL A 90 -4.03 -8.66 3.49
CA VAL A 90 -4.25 -8.99 4.88
C VAL A 90 -4.88 -7.81 5.58
N ILE A 91 -5.73 -8.10 6.56
CA ILE A 91 -6.25 -7.09 7.43
C ILE A 91 -5.64 -7.28 8.81
N LEU A 92 -5.14 -6.19 9.37
CA LEU A 92 -4.57 -6.18 10.70
C LEU A 92 -5.51 -5.41 11.59
N GLN A 93 -6.07 -6.09 12.59
CA GLN A 93 -6.87 -5.45 13.62
C GLN A 93 -5.93 -4.79 14.61
N LEU A 94 -6.15 -3.53 14.94
CA LEU A 94 -5.29 -2.82 15.88
C LEU A 94 -5.74 -3.10 17.32
N ASN A 95 -4.86 -2.75 18.25
CA ASN A 95 -5.13 -2.91 19.68
C ASN A 95 -5.93 -1.75 20.28
N GLY A 96 -6.42 -0.85 19.45
CA GLY A 96 -7.37 0.16 19.84
C GLY A 96 -7.88 0.88 18.60
N SER A 97 -8.52 2.03 18.82
CA SER A 97 -9.07 2.82 17.73
CA SER A 97 -9.05 2.80 17.72
C SER A 97 -8.21 4.04 17.49
N ALA A 98 -7.89 4.28 16.23
CA ALA A 98 -7.25 5.51 15.82
C ALA A 98 -8.16 6.68 16.21
N THR A 99 -7.52 7.82 16.43
CA THR A 99 -8.22 9.08 16.59
C THR A 99 -8.27 9.73 15.22
N ILE A 100 -9.45 9.76 14.61
CA ILE A 100 -9.60 10.32 13.25
C ILE A 100 -9.52 11.86 13.35
N ASN A 101 -8.64 12.44 12.55
CA ASN A 101 -8.42 13.87 12.51
C ASN A 101 -7.92 14.28 11.14
N ALA A 102 -7.43 15.51 11.01
CA ALA A 102 -6.91 15.96 9.70
C ALA A 102 -5.88 15.03 9.13
N ASN A 103 -5.03 14.48 10.00
CA ASN A 103 -3.86 13.69 9.57
C ASN A 103 -4.04 12.17 9.59
N VAL A 104 -5.17 11.73 10.09
CA VAL A 104 -5.48 10.28 10.23
C VAL A 104 -6.95 10.07 9.85
N GLN A 105 -7.20 9.49 8.67
CA GLN A 105 -8.57 9.29 8.16
C GLN A 105 -8.69 7.94 7.52
N VAL A 106 -9.93 7.48 7.45
CA VAL A 106 -10.25 6.20 6.89
C VAL A 106 -10.41 6.33 5.37
N ALA A 107 -9.87 5.36 4.63
CA ALA A 107 -9.96 5.39 3.17
C ALA A 107 -11.34 4.95 2.66
N GLN A 108 -11.63 5.37 1.45
CA GLN A 108 -12.88 4.93 0.78
C GLN A 108 -12.49 3.83 -0.20
N LEU A 109 -13.27 2.74 -0.19
CA LEU A 109 -13.05 1.59 -1.05
C LEU A 109 -14.08 1.55 -2.15
N PRO A 110 -13.74 0.88 -3.26
CA PRO A 110 -14.68 0.68 -4.36
C PRO A 110 -15.80 -0.29 -4.00
N ALA A 111 -16.82 -0.33 -4.85
CA ALA A 111 -17.81 -1.38 -4.79
C ALA A 111 -17.21 -2.71 -5.18
N GLN A 112 -17.76 -3.80 -4.62
CA GLN A 112 -17.34 -5.14 -4.95
C GLN A 112 -17.43 -5.32 -6.45
N GLY A 113 -16.36 -5.83 -7.03
CA GLY A 113 -16.32 -6.26 -8.41
C GLY A 113 -16.02 -5.16 -9.42
N ARG A 114 -15.84 -3.92 -8.95
CA ARG A 114 -15.60 -2.78 -9.85
C ARG A 114 -14.28 -2.96 -10.61
N ARG A 115 -14.36 -2.93 -11.94
CA ARG A 115 -13.20 -3.11 -12.78
C ARG A 115 -12.67 -1.73 -13.21
N LEU A 116 -11.38 -1.64 -13.46
CA LEU A 116 -10.79 -0.46 -14.05
C LEU A 116 -10.41 -0.70 -15.51
N GLY A 117 -10.73 0.25 -16.36
CA GLY A 117 -10.40 0.18 -17.76
C GLY A 117 -8.95 0.54 -18.04
N ASN A 118 -8.46 0.09 -19.20
CA ASN A 118 -7.18 0.53 -19.69
C ASN A 118 -7.15 2.03 -19.73
N GLY A 119 -6.08 2.60 -19.18
CA GLY A 119 -5.85 4.01 -19.29
C GLY A 119 -6.35 4.78 -18.07
N VAL A 120 -6.98 4.10 -17.10
CA VAL A 120 -7.32 4.79 -15.84
C VAL A 120 -6.03 5.35 -15.21
N GLN A 121 -6.08 6.61 -14.79
CA GLN A 121 -4.97 7.28 -14.16
C GLN A 121 -5.13 7.20 -12.66
N CYS A 122 -4.10 6.68 -11.98
CA CYS A 122 -4.12 6.49 -10.54
C CYS A 122 -2.86 7.13 -9.92
N LEU A 123 -2.84 7.20 -8.59
CA LEU A 123 -1.64 7.56 -7.85
C LEU A 123 -1.21 6.37 -7.02
N ALA A 124 0.05 6.01 -7.20
CA ALA A 124 0.75 5.10 -6.27
C ALA A 124 1.49 5.95 -5.25
N MET A 125 1.81 5.34 -4.10
CA MET A 125 2.46 6.10 -3.03
C MET A 125 3.20 5.13 -2.11
N GLY A 126 4.14 5.67 -1.38
CA GLY A 126 4.80 4.90 -0.32
C GLY A 126 6.11 5.43 0.10
N TRP A 127 6.70 4.75 1.09
CA TRP A 127 8.01 5.08 1.64
C TRP A 127 9.12 4.10 1.24
N GLY A 128 8.94 3.45 0.11
CA GLY A 128 9.91 2.48 -0.38
C GLY A 128 11.12 3.13 -1.04
N LEU A 129 11.99 2.31 -1.57
CA LEU A 129 13.21 2.79 -2.20
C LEU A 129 12.95 3.74 -3.32
N LEU A 130 13.86 4.72 -3.40
CA LEU A 130 13.79 5.78 -4.41
C LEU A 130 14.52 5.39 -5.67
N GLY A 131 15.31 4.31 -5.51
CA GLY A 131 16.31 3.75 -6.42
C GLY A 131 17.43 3.12 -5.50
N ARG A 132 18.49 2.62 -6.16
CA ARG A 132 19.81 2.58 -5.49
C ARG A 132 20.67 3.76 -5.98
N ASN A 133 20.01 4.79 -6.48
CA ASN A 133 20.55 6.13 -6.49
C ASN A 133 20.46 6.69 -5.07
N ARG A 134 19.28 6.55 -4.47
CA ARG A 134 19.01 7.01 -3.11
C ARG A 134 18.65 5.81 -2.34
N GLY A 135 18.18 5.96 -1.11
CA GLY A 135 17.63 4.82 -0.34
C GLY A 135 16.14 4.83 -0.10
N ILE A 136 15.72 4.35 1.09
CA ILE A 136 14.37 4.44 1.56
C ILE A 136 14.09 5.96 1.58
N ALA A 137 12.88 6.28 1.16
CA ALA A 137 12.39 7.63 1.26
C ALA A 137 12.32 8.02 2.72
N SER A 138 12.57 9.28 3.00
CA SER A 138 12.18 9.85 4.30
C SER A 138 10.75 10.39 4.24
N VAL A 139 10.50 11.19 3.22
CA VAL A 139 9.19 11.80 2.98
C VAL A 139 8.34 10.93 2.06
N LEU A 140 7.08 10.78 2.42
CA LEU A 140 6.15 10.02 1.63
C LEU A 140 6.15 10.48 0.18
N GLN A 141 6.24 9.51 -0.74
CA GLN A 141 6.30 9.80 -2.18
C GLN A 141 5.00 9.39 -2.81
N GLU A 142 4.63 10.06 -3.91
CA GLU A 142 3.51 9.67 -4.77
C GLU A 142 3.98 9.67 -6.25
N LEU A 143 3.18 9.02 -7.09
CA LEU A 143 3.55 8.78 -8.48
C LEU A 143 2.33 8.59 -9.32
N ASN A 144 2.20 9.35 -10.41
CA ASN A 144 1.13 9.07 -11.38
C ASN A 144 1.41 7.81 -12.18
N VAL A 145 0.48 6.88 -12.20
CA VAL A 145 0.62 5.64 -12.97
C VAL A 145 -0.65 5.44 -13.79
N THR A 146 -0.56 4.57 -14.80
CA THR A 146 -1.70 4.33 -15.65
C THR A 146 -2.02 2.83 -15.59
N VAL A 147 -3.31 2.48 -15.46
CA VAL A 147 -3.72 1.08 -15.49
C VAL A 147 -3.56 0.47 -16.90
N VAL A 148 -2.99 -0.73 -16.94
CA VAL A 148 -2.75 -1.47 -18.19
C VAL A 148 -3.17 -2.97 -18.10
N THR A 149 -3.39 -3.59 -19.22
CA THR A 149 -3.74 -5.01 -19.22
C THR A 149 -2.74 -5.91 -19.96
N SER A 150 -1.93 -5.36 -20.84
CA SER A 150 -0.84 -6.11 -21.47
C SER A 150 0.15 -6.48 -20.41
N LEU A 151 0.50 -7.75 -20.42
CA LEU A 151 1.37 -8.37 -19.41
C LEU A 151 0.75 -8.28 -18.02
N CYS A 152 -0.59 -8.15 -17.97
CA CYS A 152 -1.35 -8.29 -16.67
C CYS A 152 -2.16 -9.58 -16.69
N ARG A 153 -2.94 -9.77 -15.64
CA ARG A 153 -3.82 -10.93 -15.51
C ARG A 153 -5.02 -10.44 -14.67
N ARG A 154 -6.12 -11.20 -14.72
CA ARG A 154 -7.35 -10.70 -14.13
C ARG A 154 -7.31 -10.66 -12.62
N SER A 155 -6.36 -11.39 -12.03
CA SER A 155 -6.16 -11.40 -10.57
C SER A 155 -5.27 -10.32 -10.02
N ASN A 156 -4.91 -9.33 -10.84
CA ASN A 156 -4.17 -8.15 -10.39
C ASN A 156 -4.66 -6.89 -11.09
N VAL A 157 -4.47 -5.76 -10.43
CA VAL A 157 -4.51 -4.48 -11.11
C VAL A 157 -3.07 -4.20 -11.46
N CYS A 158 -2.78 -3.92 -12.73
CA CYS A 158 -1.42 -3.63 -13.11
C CYS A 158 -1.29 -2.22 -13.64
N THR A 159 -0.14 -1.63 -13.41
CA THR A 159 0.08 -0.23 -13.78
C THR A 159 1.43 0.01 -14.46
N LEU A 160 1.53 1.08 -15.24
CA LEU A 160 2.76 1.39 -15.91
C LEU A 160 2.90 2.90 -15.95
N VAL A 161 4.10 3.36 -15.91
CA VAL A 161 4.41 4.76 -16.23
C VAL A 161 4.92 4.82 -17.67
N ARG A 162 4.25 5.63 -18.48
CA ARG A 162 4.62 5.74 -19.88
C ARG A 162 5.74 6.77 -20.07
N GLY A 163 6.69 6.41 -20.91
CA GLY A 163 7.67 7.36 -21.44
C GLY A 163 8.90 7.60 -20.60
N ARG A 164 8.98 6.87 -19.48
CA ARG A 164 10.17 6.94 -18.60
C ARG A 164 10.09 5.74 -17.66
N GLN A 165 11.21 5.42 -17.00
CA GLN A 165 11.30 4.35 -16.03
C GLN A 165 10.93 4.89 -14.64
N ALA A 166 9.83 4.38 -14.12
CA ALA A 166 9.31 4.83 -12.79
C ALA A 166 8.34 3.77 -12.33
N GLY A 167 8.17 3.65 -11.02
CA GLY A 167 7.26 2.65 -10.49
C GLY A 167 7.44 2.45 -9.01
N VAL A 168 6.71 1.48 -8.48
CA VAL A 168 6.88 1.16 -7.04
C VAL A 168 8.14 0.38 -6.84
N CYS A 169 8.56 0.26 -5.60
CA CYS A 169 9.82 -0.45 -5.31
C CYS A 169 9.74 -1.03 -3.91
N PHE A 170 10.82 -1.68 -3.52
CA PHE A 170 10.86 -2.35 -2.21
C PHE A 170 10.59 -1.41 -1.06
N GLY A 171 9.69 -1.83 -0.17
CA GLY A 171 9.17 -0.95 0.90
C GLY A 171 7.84 -0.32 0.59
N ASP A 172 7.40 -0.36 -0.68
CA ASP A 172 6.11 0.17 -1.05
C ASP A 172 5.01 -0.89 -0.94
N SER A 173 5.38 -2.16 -0.84
CA SER A 173 4.32 -3.21 -0.73
C SER A 173 3.36 -2.87 0.39
N GLY A 174 2.09 -3.18 0.15
CA GLY A 174 1.09 -2.89 1.15
C GLY A 174 0.48 -1.50 1.04
N SER A 175 1.11 -0.59 0.28
CA SER A 175 0.66 0.76 0.15
C SER A 175 -0.54 0.82 -0.81
N PRO A 176 -1.41 1.82 -0.59
CA PRO A 176 -2.57 1.94 -1.47
C PRO A 176 -2.21 2.44 -2.89
N LEU A 177 -3.08 2.03 -3.82
CA LEU A 177 -3.19 2.62 -5.16
C LEU A 177 -4.52 3.33 -5.19
N VAL A 178 -4.54 4.64 -5.40
CA VAL A 178 -5.75 5.43 -5.37
C VAL A 178 -6.14 5.71 -6.83
N CYS A 179 -7.33 5.26 -7.22
CA CYS A 179 -7.86 5.50 -8.57
C CYS A 179 -9.25 6.11 -8.41
N ASN A 180 -9.43 7.33 -8.94
CA ASN A 180 -10.73 8.04 -8.90
C ASN A 180 -11.27 8.13 -7.47
N GLY A 181 -10.35 8.43 -6.59
CA GLY A 181 -10.63 8.69 -5.20
C GLY A 181 -10.86 7.48 -4.32
N LEU A 182 -10.71 6.27 -4.87
CA LEU A 182 -10.94 5.04 -4.14
C LEU A 182 -9.68 4.19 -4.09
N ILE A 183 -9.57 3.36 -3.07
CA ILE A 183 -8.41 2.44 -2.97
C ILE A 183 -8.67 1.20 -3.79
N HIS A 184 -8.10 1.13 -5.00
CA HIS A 184 -8.28 0.02 -5.92
C HIS A 184 -7.17 -0.98 -5.89
N GLY A 185 -6.08 -0.66 -5.23
CA GLY A 185 -4.96 -1.59 -5.23
C GLY A 185 -4.20 -1.57 -3.96
N ILE A 186 -3.46 -2.65 -3.71
CA ILE A 186 -2.49 -2.74 -2.64
C ILE A 186 -1.18 -3.17 -3.33
N ALA A 187 -0.12 -2.37 -3.21
CA ALA A 187 1.13 -2.71 -3.92
C ALA A 187 1.63 -4.09 -3.53
N SER A 188 1.89 -4.94 -4.54
CA SER A 188 2.21 -6.37 -4.35
C SER A 188 3.59 -6.75 -4.85
N PHE A 189 3.81 -6.68 -6.16
CA PHE A 189 5.08 -7.16 -6.75
C PHE A 189 5.45 -6.45 -8.03
N VAL A 190 6.73 -6.40 -8.27
CA VAL A 190 7.28 -5.93 -9.53
C VAL A 190 7.87 -7.11 -10.29
N ARG A 191 8.26 -6.83 -11.53
CA ARG A 191 8.93 -7.82 -12.36
C ARG A 191 10.15 -7.21 -13.00
N GLY A 192 11.26 -7.92 -12.93
CA GLY A 192 12.46 -7.48 -13.61
C GLY A 192 13.10 -6.27 -12.98
N GLY A 193 13.07 -6.23 -11.65
CA GLY A 193 13.53 -5.07 -10.87
C GLY A 193 12.51 -3.94 -10.84
N CYS A 194 12.75 -2.94 -10.01
CA CYS A 194 11.86 -1.83 -9.92
C CYS A 194 12.02 -0.95 -11.17
N ALA A 195 10.93 -0.33 -11.58
CA ALA A 195 10.98 0.73 -12.58
C ALA A 195 11.66 0.24 -13.87
N SER A 196 11.28 -0.95 -14.34
CA SER A 196 11.86 -1.50 -15.56
C SER A 196 11.51 -0.68 -16.79
N GLY A 197 10.33 -0.05 -16.78
CA GLY A 197 9.85 0.57 -18.01
C GLY A 197 9.25 -0.42 -18.98
N LEU A 198 9.14 -1.67 -18.57
CA LEU A 198 8.65 -2.76 -19.45
C LEU A 198 7.52 -3.52 -18.80
N TYR A 199 7.75 -4.09 -17.61
CA TYR A 199 6.77 -4.89 -16.93
C TYR A 199 5.92 -4.06 -16.01
N PRO A 200 4.58 -4.11 -16.19
CA PRO A 200 3.73 -3.34 -15.24
C PRO A 200 3.87 -3.78 -13.80
N ASP A 201 3.73 -2.85 -12.86
CA ASP A 201 3.68 -3.15 -11.44
C ASP A 201 2.34 -3.85 -11.16
N ALA A 202 2.32 -4.73 -10.17
CA ALA A 202 1.15 -5.51 -9.81
C ALA A 202 0.67 -5.17 -8.41
N PHE A 203 -0.63 -4.91 -8.33
CA PHE A 203 -1.34 -4.57 -7.09
C PHE A 203 -2.40 -5.59 -6.83
N ALA A 204 -2.63 -5.91 -5.56
CA ALA A 204 -3.78 -6.76 -5.23
C ALA A 204 -5.07 -5.99 -5.59
N PRO A 205 -6.07 -6.68 -6.17
CA PRO A 205 -7.23 -5.99 -6.73
C PRO A 205 -8.28 -5.81 -5.65
N VAL A 206 -8.23 -4.65 -5.01
CA VAL A 206 -9.03 -4.47 -3.78
C VAL A 206 -10.54 -4.68 -4.06
N ALA A 207 -11.04 -4.26 -5.24
CA ALA A 207 -12.48 -4.43 -5.54
C ALA A 207 -12.92 -5.87 -5.50
N GLN A 208 -12.03 -6.84 -5.75
CA GLN A 208 -12.40 -8.24 -5.63
C GLN A 208 -12.63 -8.68 -4.20
N PHE A 209 -12.07 -7.97 -3.24
CA PHE A 209 -12.09 -8.37 -1.83
C PHE A 209 -13.00 -7.53 -0.94
N VAL A 210 -13.86 -6.68 -1.54
CA VAL A 210 -14.66 -5.75 -0.74
C VAL A 210 -15.66 -6.46 0.18
N ASN A 211 -16.33 -7.48 -0.31
CA ASN A 211 -17.28 -8.20 0.56
C ASN A 211 -16.56 -8.81 1.77
N TRP A 212 -15.36 -9.36 1.52
CA TRP A 212 -14.54 -9.97 2.55
C TRP A 212 -14.11 -8.91 3.58
N ILE A 213 -13.62 -7.78 3.07
CA ILE A 213 -13.19 -6.68 3.92
C ILE A 213 -14.37 -6.22 4.78
N ASP A 214 -15.52 -6.03 4.14
CA ASP A 214 -16.70 -5.53 4.83
C ASP A 214 -17.15 -6.50 5.92
N SER A 215 -17.03 -7.81 5.66
CA SER A 215 -17.41 -8.80 6.64
C SER A 215 -16.59 -8.69 7.92
N ILE A 216 -15.41 -8.12 7.83
CA ILE A 216 -14.49 -8.03 8.99
C ILE A 216 -14.61 -6.70 9.71
N ILE A 217 -14.69 -5.63 8.95
CA ILE A 217 -14.58 -4.31 9.59
C ILE A 217 -15.93 -3.82 10.06
N GLN A 218 -17.02 -4.47 9.65
CA GLN A 218 -18.35 -4.13 10.15
C GLN A 218 -18.63 -4.98 11.36
C11 BTN B 1 3.53 -16.12 -16.50
O11 BTN B 1 2.33 -16.40 -16.44
C10 BTN B 1 4.53 -17.01 -15.81
C9 BTN B 1 3.91 -17.57 -14.54
C8 BTN B 1 4.97 -18.23 -13.70
C7 BTN B 1 4.34 -19.06 -12.58
C2 BTN B 1 5.46 -19.78 -11.87
S1 BTN B 1 6.05 -21.12 -12.87
C6 BTN B 1 6.88 -22.00 -11.57
C5 BTN B 1 6.04 -21.66 -10.31
N1 BTN B 1 5.12 -22.75 -10.06
C3 BTN B 1 3.83 -22.40 -10.18
O3 BTN B 1 2.90 -23.17 -10.01
N2 BTN B 1 3.76 -21.10 -10.50
C4 BTN B 1 5.08 -20.47 -10.56
C1 3V3 B 2 3.27 -14.00 -17.78
C2 3V3 B 2 3.74 -13.70 -19.20
C4 3V3 B 2 5.69 -13.04 -20.39
O3 3V3 B 2 4.98 -12.99 -19.13
C5 3V3 B 2 6.92 -12.21 -20.24
C7 3V3 B 2 9.01 -12.28 -19.10
C8 3V3 B 2 9.76 -12.77 -17.87
C10 3V3 B 2 9.42 -10.93 -16.30
O6 3V3 B 2 7.68 -12.76 -19.17
C11 3V3 B 2 10.66 -10.77 -15.49
C13 3V3 B 2 11.64 -11.56 -13.52
C14 3V3 B 2 11.35 -12.33 -12.25
C 3V3 B 2 10.38 -11.57 -11.39
N 3V3 B 2 4.08 -15.07 -17.14
O9 3V3 B 2 9.20 -12.31 -16.64
O12 3V3 B 2 10.46 -11.46 -14.26
O 3V3 B 2 10.62 -10.39 -11.15
N NLB B 3 9.33 -12.23 -10.94
CA NLB B 3 8.34 -11.59 -10.07
CB NLB B 3 7.07 -12.42 -9.93
CG NLB B 3 6.27 -12.49 -11.25
CD NLB B 3 5.03 -13.36 -11.13
CE NLB B 3 4.45 -13.60 -12.51
C NLB B 3 8.94 -11.46 -8.71
O NLB B 3 9.50 -12.40 -8.15
O1 NLB B 3 3.11 -14.04 -12.45
C2 NLB B 3 2.44 -14.07 -13.71
C3 NLB B 3 1.87 -12.73 -14.05
C4 NLB B 3 1.87 -11.70 -13.13
C5 NLB B 3 1.35 -10.46 -13.43
C6 NLB B 3 0.78 -10.22 -14.65
C7 NLB B 3 0.76 -11.25 -15.59
C8 NLB B 3 1.28 -12.50 -15.29
N OMT B 4 8.84 -10.28 -8.09
CA OMT B 4 9.52 -9.98 -6.85
CB OMT B 4 10.76 -9.09 -7.09
CG OMT B 4 11.83 -9.82 -7.96
SD OMT B 4 13.02 -8.72 -8.47
CE OMT B 4 13.83 -9.55 -9.68
C OMT B 4 8.56 -9.20 -5.97
O OMT B 4 8.25 -8.05 -6.29
OD1 OMT B 4 13.84 -8.45 -7.38
OD2 OMT B 4 12.45 -7.61 -9.16
N OIC B 5 8.05 -9.82 -4.88
CA OIC B 5 7.26 -9.05 -3.90
C OIC B 5 8.01 -7.80 -3.47
O OIC B 5 9.20 -7.89 -3.15
CB OIC B 5 6.76 -9.97 -2.80
CG OIC B 5 6.92 -11.34 -3.46
CD OIC B 5 8.16 -11.18 -4.35
C4 OIC B 5 6.94 -12.48 -2.49
C5 OIC B 5 8.30 -12.64 -1.83
C6 OIC B 5 9.44 -12.67 -2.79
C7 OIC B 5 9.49 -11.39 -3.63
N 3V2 B 6 7.28 -6.59 -3.29
CA 3V2 B 6 7.99 -5.39 -2.81
CB 3V2 B 6 7.68 -4.33 -3.82
CG 3V2 B 6 8.55 -4.39 -5.05
P1 3V2 B 6 7.34 -5.02 -1.17
O2 3V2 B 6 7.76 -3.62 -0.74
O3 3V2 B 6 7.61 -6.09 -0.18
C1 NAG C . -1.60 12.86 -11.90
C2 NAG C . -2.45 13.32 -13.08
C3 NAG C . -3.33 14.49 -12.69
C4 NAG C . -4.17 14.14 -11.52
C5 NAG C . -3.29 13.63 -10.38
C6 NAG C . -4.04 13.17 -9.18
C7 NAG C . -1.43 12.83 -15.22
C8 NAG C . -0.70 13.42 -16.40
N2 NAG C . -1.70 13.68 -14.25
O3 NAG C . -4.11 14.85 -13.80
O4 NAG C . -4.74 15.34 -10.97
O5 NAG C . -2.39 12.58 -10.81
O6 NAG C . -4.74 12.02 -9.62
O7 NAG C . -1.72 11.63 -15.22
C1 NAG C . -6.10 15.56 -11.42
C2 NAG C . -6.83 16.42 -10.41
C3 NAG C . -8.21 16.86 -10.94
C4 NAG C . -8.22 17.34 -12.40
C5 NAG C . -7.39 16.36 -13.23
C6 NAG C . -7.26 16.76 -14.69
C7 NAG C . -6.21 16.03 -8.06
C8 NAG C . -6.48 15.29 -6.81
N2 NAG C . -6.99 15.77 -9.11
O3 NAG C . -8.61 17.87 -10.06
O4 NAG C . -9.51 17.33 -12.99
O5 NAG C . -6.09 16.17 -12.67
O6 NAG C . -6.51 17.95 -14.74
O7 NAG C . -5.27 16.81 -8.11
C1 BMA C . -9.98 18.63 -13.45
C2 BMA C . -11.19 18.49 -14.37
C3 BMA C . -11.87 19.83 -14.78
C4 BMA C . -11.93 20.81 -13.61
C5 BMA C . -10.66 20.79 -12.75
C6 BMA C . -10.78 21.68 -11.53
O2 BMA C . -12.14 17.68 -13.69
O3 BMA C . -13.20 19.58 -15.34
O4 BMA C . -12.10 22.13 -14.13
O5 BMA C . -10.35 19.46 -12.34
O6 BMA C . -9.55 21.69 -10.75
C1 FUC C . -6.12 12.15 -9.32
C2 FUC C . -6.77 10.96 -10.04
C3 FUC C . -6.37 9.67 -9.32
C4 FUC C . -6.61 9.70 -7.83
C5 FUC C . -5.91 10.94 -7.29
C6 FUC C . -6.16 11.06 -5.79
O2 FUC C . -6.47 10.90 -11.42
O3 FUC C . -7.10 8.59 -9.92
O4 FUC C . -8.04 9.76 -7.56
O5 FUC C . -6.43 12.09 -7.96
C1 NAG D . -1.64 -0.30 21.76
C2 NAG D . -1.86 0.38 23.13
C3 NAG D . -1.03 1.63 23.32
C4 NAG D . 0.42 1.34 22.96
C5 NAG D . 0.47 0.75 21.54
C6 NAG D . 1.90 0.56 21.05
C7 NAG D . -4.19 0.09 24.02
C8 NAG D . -3.84 -1.15 24.77
N2 NAG D . -3.26 0.74 23.29
O3 NAG D . -1.18 2.07 24.67
O4 NAG D . 1.19 2.53 23.01
O5 NAG D . -0.27 -0.47 21.50
O6 NAG D . 2.53 -0.50 21.74
O7 NAG D . -5.35 0.51 24.06
C1 NAG D . 2.09 2.53 24.14
C2 NAG D . 3.13 3.62 23.96
C3 NAG D . 3.96 3.90 25.22
C4 NAG D . 3.22 3.67 26.55
C5 NAG D . 2.20 2.54 26.49
C6 NAG D . 1.32 2.49 27.73
C7 NAG D . 4.05 3.87 21.71
C8 NAG D . 5.08 3.36 20.73
N2 NAG D . 4.04 3.26 22.89
O3 NAG D . 4.38 5.25 25.17
O4 NAG D . 4.17 3.38 27.56
O5 NAG D . 1.39 2.73 25.35
O6 NAG D . 0.46 3.61 27.75
O7 NAG D . 3.28 4.79 21.39
C1 FUC D . 3.92 -0.57 21.37
C2 FUC D . 4.72 -1.06 22.58
C3 FUC D . 4.49 -2.56 22.76
C4 FUC D . 4.89 -3.29 21.48
C5 FUC D . 4.03 -2.79 20.33
C6 FUC D . 4.45 -3.51 19.04
O2 FUC D . 4.34 -0.37 23.77
O3 FUC D . 5.19 -3.06 23.88
O4 FUC D . 6.23 -3.05 21.12
O5 FUC D . 4.15 -1.38 20.21
S SO4 E . 12.98 12.50 0.32
O1 SO4 E . 14.14 11.98 -0.48
O2 SO4 E . 12.52 11.29 1.02
O3 SO4 E . 12.08 13.09 -0.75
O4 SO4 E . 13.40 13.54 1.36
S SO4 F . -2.11 -1.69 -22.56
O1 SO4 F . -3.21 -2.08 -21.63
O2 SO4 F . -2.52 -2.02 -23.92
O3 SO4 F . -1.84 -0.23 -22.64
O4 SO4 F . -0.86 -2.36 -22.21
C1 EDO G . -3.72 -17.53 4.79
O1 EDO G . -3.15 -16.46 4.01
C2 EDO G . -4.96 -17.94 4.06
O2 EDO G . -6.16 -17.48 4.66
C1 EDO H . -5.57 -14.66 -15.95
O1 EDO H . -6.11 -13.44 -16.52
C2 EDO H . -6.41 -15.20 -14.80
O2 EDO H . -6.21 -14.54 -13.53
C1 EDO I . 12.68 17.69 14.08
O1 EDO I . 11.74 17.91 13.02
C2 EDO I . 13.58 16.53 13.75
O2 EDO I . 13.24 15.44 14.61
C1 EDO J . -9.25 19.17 13.01
O1 EDO J . -10.15 19.11 11.89
C2 EDO J . -8.65 17.78 13.22
O2 EDO J . -7.21 17.78 13.16
C1 EDO K . 6.57 17.12 1.52
O1 EDO K . 6.33 17.87 0.30
C2 EDO K . 7.83 17.40 2.35
O2 EDO K . 7.59 18.12 3.56
C1 EDO L . -22.40 -6.22 -4.84
O1 EDO L . -21.56 -6.14 -6.00
C2 EDO L . -21.72 -6.93 -3.67
O2 EDO L . -21.47 -6.07 -2.55
S SO4 M . 14.56 -12.96 -8.36
O1 SO4 M . 13.96 -12.91 -7.01
O2 SO4 M . 15.59 -14.02 -8.44
O3 SO4 M . 15.22 -11.68 -8.61
O4 SO4 M . 13.52 -13.15 -9.39
#